data_6Y6F
#
_entry.id   6Y6F
#
_cell.length_a   83.650
_cell.length_b   83.650
_cell.length_c   114.720
_cell.angle_alpha   90.000
_cell.angle_beta   90.000
_cell.angle_gamma   90.000
#
_symmetry.space_group_name_H-M   'P 41 2 2'
#
loop_
_entity.id
_entity.type
_entity.pdbx_description
1 polymer 'Serine/threonine-protein kinase 17B'
2 non-polymer '2-[6-(4-methylsulfanylphenyl)thieno[3,2-d]pyrimidin-4-yl]sulfanylethanoic acid'
3 non-polymer 1,2-ETHANEDIOL
4 water water
#
_entity_poly.entity_id   1
_entity_poly.type   'polypeptide(L)'
_entity_poly.pdbx_seq_one_letter_code
;MHHHHHHSSGVDLGTENLYFQSMENFNNFYILTSKELGRGKFAVVRQCISKSTGQEYAAKFLKKRRRGQDCRAEILHEIA
VLELAKSCPRVINLHEVYENTSEIILILEYAAGGEIFSLCLPELAEMVSENDVIRLIKQILEGVYYLHQNNIVHLDLKPQ
NILLSSIYPLGDIKIVDFGMSRKIGHACELREIMGTPEYLAPEILNYDPITTATDMWNIGIIAYMLLTHTSPFVGEDNQE
TYLNISQVNVDYSEETFSSVSQLATDFIQSLLVKNPEKRPTAEICLSHSWLQQWDFENLFHPEETSSSSQTQDHSVRSSE
DKTSKSS
;
_entity_poly.pdbx_strand_id   A
#
loop_
_chem_comp.id
_chem_comp.type
_chem_comp.name
_chem_comp.formula
EDO non-polymer 1,2-ETHANEDIOL 'C2 H6 O2'
OD2 non-polymer '2-[6-(4-methylsulfanylphenyl)thieno[3,2-d]pyrimidin-4-yl]sulfanylethanoic acid' 'C15 H12 N2 O2 S3'
#
# COMPACT_ATOMS: atom_id res chain seq x y z
N THR A 15 5.84 -21.35 29.07
CA THR A 15 7.11 -21.95 28.58
C THR A 15 7.80 -21.09 27.46
N GLU A 16 7.06 -20.24 26.71
CA GLU A 16 7.66 -19.41 25.63
C GLU A 16 8.67 -18.30 26.08
N ASN A 17 9.90 -18.34 25.58
CA ASN A 17 10.87 -17.29 25.88
C ASN A 17 10.73 -16.14 24.85
N LEU A 18 10.92 -14.92 25.33
CA LEU A 18 10.83 -13.76 24.49
C LEU A 18 12.20 -13.44 23.78
N TYR A 19 12.09 -13.01 22.55
CA TYR A 19 13.23 -12.71 21.70
C TYR A 19 13.58 -11.21 21.62
N PHE A 20 12.58 -10.39 21.34
CA PHE A 20 12.81 -8.98 21.12
C PHE A 20 12.92 -8.17 22.43
N GLN A 21 13.24 -6.88 22.31
CA GLN A 21 13.49 -6.01 23.47
CA GLN A 21 13.50 -6.07 23.50
C GLN A 21 12.25 -6.05 24.40
N SER A 22 12.49 -5.97 25.69
CA SER A 22 11.45 -6.02 26.71
C SER A 22 10.43 -4.91 26.66
N MET A 23 9.24 -5.26 27.14
CA MET A 23 8.17 -4.29 27.30
C MET A 23 8.53 -3.19 28.28
N GLU A 24 9.29 -3.53 29.31
CA GLU A 24 9.75 -2.54 30.26
CA GLU A 24 9.78 -2.53 30.26
C GLU A 24 10.59 -1.47 29.52
N ASN A 25 11.42 -1.90 28.58
CA ASN A 25 12.19 -0.92 27.77
C ASN A 25 11.27 -0.10 26.86
N PHE A 26 10.25 -0.73 26.27
CA PHE A 26 9.29 -0.01 25.43
C PHE A 26 8.72 1.19 26.22
N ASN A 27 8.17 0.92 27.37
CA ASN A 27 7.51 1.93 28.18
C ASN A 27 8.48 2.93 28.76
N ASN A 28 9.70 2.50 28.98
CA ASN A 28 10.74 3.45 29.34
C ASN A 28 11.08 4.44 28.22
N PHE A 29 11.09 4.00 26.96
CA PHE A 29 11.54 4.83 25.88
C PHE A 29 10.47 5.57 25.10
N TYR A 30 9.25 5.06 25.16
CA TYR A 30 8.15 5.59 24.38
C TYR A 30 6.94 5.86 25.23
N ILE A 31 6.14 6.82 24.78
CA ILE A 31 4.81 7.02 25.33
C ILE A 31 3.78 6.92 24.22
N LEU A 32 2.73 6.17 24.47
CA LEU A 32 1.63 6.04 23.50
C LEU A 32 0.84 7.31 23.55
N THR A 33 0.36 7.76 22.39
CA THR A 33 -0.57 8.90 22.36
C THR A 33 -2.00 8.44 22.26
N SER A 34 -2.91 9.37 22.50
CA SER A 34 -4.33 9.15 22.42
C SER A 34 -4.85 9.08 20.96
N LYS A 35 -4.01 9.36 19.96
CA LYS A 35 -4.48 9.46 18.60
C LYS A 35 -5.08 8.13 18.09
N GLU A 36 -6.24 8.29 17.44
CA GLU A 36 -6.96 7.16 16.82
C GLU A 36 -6.53 7.01 15.36
N LEU A 37 -5.88 5.87 15.05
CA LEU A 37 -5.30 5.65 13.71
C LEU A 37 -6.24 4.89 12.71
N GLY A 38 -7.39 4.41 13.22
CA GLY A 38 -8.41 3.83 12.34
C GLY A 38 -7.98 2.52 11.70
N ARG A 39 -7.06 1.79 12.33
CA ARG A 39 -6.62 0.50 11.81
C ARG A 39 -7.41 -0.65 12.48
N GLY A 40 -6.97 -1.90 12.31
CA GLY A 40 -7.76 -3.04 12.82
C GLY A 40 -7.84 -3.19 14.33
N LYS A 41 -8.86 -3.92 14.79
CA LYS A 41 -9.01 -4.24 16.24
C LYS A 41 -8.11 -5.43 16.65
N PHE A 42 -7.76 -6.26 15.67
CA PHE A 42 -6.90 -7.43 15.94
C PHE A 42 -5.37 -7.22 15.79
N ALA A 43 -4.95 -6.13 15.17
CA ALA A 43 -3.52 -5.78 15.08
C ALA A 43 -3.56 -4.27 15.22
N VAL A 44 -3.53 -3.84 16.46
CA VAL A 44 -3.75 -2.45 16.80
C VAL A 44 -2.54 -1.66 16.40
N VAL A 45 -2.77 -0.51 15.82
CA VAL A 45 -1.69 0.41 15.51
C VAL A 45 -1.95 1.72 16.24
N ARG A 46 -0.98 2.14 17.04
CA ARG A 46 -1.08 3.34 17.87
C ARG A 46 0.05 4.28 17.54
N GLN A 47 -0.20 5.57 17.65
CA GLN A 47 0.87 6.54 17.57
C GLN A 47 1.59 6.53 18.90
N CYS A 48 2.91 6.70 18.80
CA CYS A 48 3.77 6.86 19.97
C CYS A 48 4.88 7.88 19.71
N ILE A 49 5.54 8.30 20.79
CA ILE A 49 6.52 9.37 20.75
C ILE A 49 7.72 8.91 21.53
N SER A 50 8.91 9.10 20.96
CA SER A 50 10.14 8.88 21.70
C SER A 50 10.26 9.95 22.81
N LYS A 51 10.40 9.49 24.04
CA LYS A 51 10.58 10.37 25.17
C LYS A 51 11.86 11.15 25.05
N SER A 52 12.89 10.58 24.44
CA SER A 52 14.20 11.26 24.29
CA SER A 52 14.19 11.27 24.31
C SER A 52 14.16 12.32 23.23
N THR A 53 13.65 11.99 22.04
CA THR A 53 13.74 12.92 20.89
C THR A 53 12.48 13.67 20.55
N GLY A 54 11.32 13.21 21.02
CA GLY A 54 10.05 13.77 20.55
C GLY A 54 9.52 13.29 19.22
N GLN A 55 10.29 12.44 18.53
CA GLN A 55 9.90 11.94 17.22
C GLN A 55 8.70 10.97 17.32
N GLU A 56 7.74 11.15 16.44
CA GLU A 56 6.56 10.29 16.35
C GLU A 56 6.86 9.00 15.59
N TYR A 57 6.29 7.89 16.07
CA TYR A 57 6.34 6.61 15.42
C TYR A 57 4.99 5.98 15.45
N ALA A 58 4.79 4.98 14.60
CA ALA A 58 3.62 4.09 14.74
C ALA A 58 4.01 2.80 15.44
N ALA A 59 3.21 2.34 16.41
CA ALA A 59 3.47 1.09 17.07
C ALA A 59 2.41 0.08 16.73
N LYS A 60 2.80 -0.99 16.05
CA LYS A 60 1.84 -2.03 15.64
C LYS A 60 2.02 -3.23 16.55
N PHE A 61 0.92 -3.61 17.23
CA PHE A 61 0.92 -4.64 18.23
C PHE A 61 0.36 -5.93 17.60
N LEU A 62 1.24 -6.86 17.21
CA LEU A 62 0.81 -8.07 16.55
C LEU A 62 0.64 -9.18 17.55
N LYS A 63 -0.56 -9.77 17.64
CA LYS A 63 -0.73 -10.87 18.55
C LYS A 63 -0.04 -12.12 18.01
N LYS A 64 0.71 -12.79 18.86
CA LYS A 64 1.41 -13.99 18.51
C LYS A 64 0.48 -15.22 18.36
N ARG A 65 -0.67 -15.20 19.01
CA ARG A 65 -1.65 -16.29 18.90
C ARG A 65 -2.89 -15.73 18.21
N ARG A 66 -3.23 -16.27 17.04
CA ARG A 66 -4.39 -15.79 16.25
C ARG A 66 -5.15 -16.99 15.73
N ARG A 67 -6.47 -17.01 16.01
CA ARG A 67 -7.40 -18.06 15.46
C ARG A 67 -6.96 -19.41 15.92
N GLY A 68 -6.46 -19.49 17.15
CA GLY A 68 -5.97 -20.74 17.67
C GLY A 68 -4.64 -21.19 17.11
N GLN A 69 -3.89 -20.33 16.40
CA GLN A 69 -2.64 -20.70 15.75
C GLN A 69 -1.44 -19.88 16.28
N ASP A 70 -0.26 -20.51 16.45
CA ASP A 70 0.95 -19.74 16.78
CA ASP A 70 1.01 -19.81 16.71
C ASP A 70 1.44 -18.99 15.53
N CYS A 71 1.58 -17.67 15.68
CA CYS A 71 1.91 -16.81 14.59
C CYS A 71 3.33 -16.22 14.69
N ARG A 72 4.11 -16.57 15.72
CA ARG A 72 5.41 -15.93 15.88
C ARG A 72 6.35 -16.11 14.65
N ALA A 73 6.39 -17.33 14.09
CA ALA A 73 7.15 -17.58 12.85
C ALA A 73 6.71 -16.66 11.70
N GLU A 74 5.40 -16.53 11.50
CA GLU A 74 4.89 -15.59 10.48
C GLU A 74 5.25 -14.12 10.75
N ILE A 75 5.25 -13.72 12.01
CA ILE A 75 5.61 -12.36 12.35
C ILE A 75 7.11 -12.16 12.06
N LEU A 76 7.92 -13.12 12.45
CA LEU A 76 9.37 -13.13 12.13
C LEU A 76 9.65 -12.99 10.66
N HIS A 77 8.87 -13.68 9.84
CA HIS A 77 8.96 -13.55 8.35
C HIS A 77 8.58 -12.15 7.89
N GLU A 78 7.53 -11.59 8.47
CA GLU A 78 7.13 -10.24 8.10
C GLU A 78 8.21 -9.21 8.45
N ILE A 79 8.84 -9.40 9.61
CA ILE A 79 9.89 -8.54 10.03
C ILE A 79 11.10 -8.68 9.05
N ALA A 80 11.42 -9.92 8.63
CA ALA A 80 12.47 -10.16 7.65
C ALA A 80 12.23 -9.41 6.32
N VAL A 81 10.99 -9.38 5.86
CA VAL A 81 10.62 -8.64 4.68
C VAL A 81 10.79 -7.14 4.88
N LEU A 82 10.30 -6.56 5.96
CA LEU A 82 10.50 -5.13 6.19
C LEU A 82 11.94 -4.77 6.27
N GLU A 83 12.71 -5.62 6.94
CA GLU A 83 14.17 -5.39 7.02
C GLU A 83 14.83 -5.38 5.65
N LEU A 84 14.45 -6.29 4.75
CA LEU A 84 14.98 -6.27 3.38
C LEU A 84 14.63 -4.98 2.61
N ALA A 85 13.44 -4.44 2.82
CA ALA A 85 13.01 -3.21 2.17
C ALA A 85 13.43 -1.89 2.87
N LYS A 86 14.34 -1.93 3.84
CA LYS A 86 14.76 -0.73 4.60
C LYS A 86 15.31 0.32 3.70
N SER A 87 15.99 -0.09 2.64
CA SER A 87 16.64 0.87 1.80
C SER A 87 15.65 1.45 0.77
N CYS A 88 14.39 1.00 0.76
CA CYS A 88 13.40 1.53 -0.19
C CYS A 88 12.52 2.55 0.52
N PRO A 89 12.62 3.85 0.14
CA PRO A 89 11.84 4.86 0.86
C PRO A 89 10.35 4.87 0.54
N ARG A 90 9.93 4.04 -0.39
CA ARG A 90 8.50 3.78 -0.70
C ARG A 90 7.82 2.72 0.16
N VAL A 91 8.63 2.06 1.00
CA VAL A 91 8.15 1.01 1.90
C VAL A 91 8.39 1.53 3.33
N ILE A 92 7.36 1.41 4.17
CA ILE A 92 7.43 1.89 5.55
C ILE A 92 8.69 1.30 6.22
N ASN A 93 9.43 2.16 6.90
CA ASN A 93 10.66 1.75 7.58
C ASN A 93 10.38 1.15 8.98
N LEU A 94 11.09 0.09 9.31
CA LEU A 94 11.07 -0.50 10.62
C LEU A 94 12.19 0.09 11.45
N HIS A 95 11.85 0.64 12.60
CA HIS A 95 12.82 1.29 13.49
C HIS A 95 13.31 0.36 14.63
N GLU A 96 12.39 -0.22 15.38
CA GLU A 96 12.71 -1.10 16.48
C GLU A 96 11.61 -2.18 16.63
N VAL A 97 11.90 -3.18 17.47
CA VAL A 97 11.00 -4.28 17.76
C VAL A 97 11.00 -4.60 19.24
N TYR A 98 9.82 -4.68 19.81
CA TYR A 98 9.67 -5.06 21.24
C TYR A 98 8.77 -6.30 21.31
N GLU A 99 8.73 -6.95 22.47
CA GLU A 99 7.92 -8.16 22.67
C GLU A 99 7.50 -8.29 24.12
N ASN A 100 6.27 -8.75 24.31
CA ASN A 100 5.74 -9.08 25.63
C ASN A 100 5.08 -10.45 25.55
N THR A 101 4.38 -10.87 26.59
CA THR A 101 3.79 -12.22 26.55
C THR A 101 2.98 -12.52 25.31
N SER A 102 2.13 -11.60 24.88
CA SER A 102 1.16 -11.94 23.86
C SER A 102 1.43 -11.21 22.53
N GLU A 103 2.32 -10.21 22.52
CA GLU A 103 2.49 -9.35 21.40
C GLU A 103 3.94 -9.23 20.95
N ILE A 104 4.11 -9.06 19.65
CA ILE A 104 5.35 -8.47 19.11
C ILE A 104 4.95 -7.10 18.60
N ILE A 105 5.68 -6.10 19.04
CA ILE A 105 5.39 -4.68 18.71
C ILE A 105 6.44 -4.13 17.71
N LEU A 106 5.97 -3.72 16.54
CA LEU A 106 6.81 -3.09 15.55
C LEU A 106 6.73 -1.58 15.73
N ILE A 107 7.90 -0.92 15.82
CA ILE A 107 7.99 0.51 15.91
C ILE A 107 8.36 0.93 14.53
N LEU A 108 7.37 1.50 13.84
CA LEU A 108 7.43 1.84 12.44
C LEU A 108 7.60 3.35 12.30
N GLU A 109 8.27 3.74 11.23
CA GLU A 109 8.14 5.10 10.70
C GLU A 109 6.66 5.53 10.72
N TYR A 110 6.36 6.75 11.18
CA TYR A 110 4.98 7.23 11.21
C TYR A 110 4.66 7.93 9.90
N ALA A 111 3.59 7.51 9.24
CA ALA A 111 3.16 8.14 7.97
C ALA A 111 2.00 9.08 8.30
N ALA A 112 2.35 10.34 8.54
CA ALA A 112 1.43 11.29 9.16
C ALA A 112 0.23 11.65 8.27
N GLY A 113 0.33 11.42 6.95
CA GLY A 113 -0.80 11.70 6.04
C GLY A 113 -1.91 10.68 6.13
N GLY A 114 -1.66 9.51 6.72
CA GLY A 114 -2.69 8.49 6.73
C GLY A 114 -2.86 7.79 5.38
N GLU A 115 -4.03 7.20 5.20
CA GLU A 115 -4.27 6.33 4.07
C GLU A 115 -4.52 7.09 2.75
N ILE A 116 -3.98 6.57 1.66
CA ILE A 116 -4.33 7.05 0.35
C ILE A 116 -5.84 6.84 0.05
N PHE A 117 -6.45 5.86 0.72
CA PHE A 117 -7.90 5.64 0.65
C PHE A 117 -8.73 6.92 0.85
N SER A 118 -8.27 7.80 1.71
CA SER A 118 -8.99 9.05 2.01
CA SER A 118 -9.02 9.01 2.01
C SER A 118 -9.16 9.94 0.79
N LEU A 119 -8.20 9.86 -0.14
CA LEU A 119 -8.28 10.61 -1.37
C LEU A 119 -9.20 9.96 -2.40
N CYS A 120 -9.71 8.76 -2.12
CA CYS A 120 -10.56 8.02 -3.04
C CYS A 120 -12.03 8.11 -2.71
N LEU A 121 -12.38 8.90 -1.71
CA LEU A 121 -13.74 8.90 -1.16
C LEU A 121 -14.76 9.68 -2.05
N PRO A 122 -16.01 9.17 -2.14
CA PRO A 122 -17.15 10.01 -2.57
C PRO A 122 -17.31 11.28 -1.70
N GLU A 123 -17.30 11.08 -0.37
CA GLU A 123 -17.27 12.16 0.68
C GLU A 123 -16.42 13.38 0.32
N LEU A 124 -15.21 13.11 -0.18
CA LEU A 124 -14.32 14.16 -0.68
C LEU A 124 -14.87 14.68 -2.01
N ALA A 125 -15.28 15.97 -1.99
CA ALA A 125 -15.18 16.86 -3.15
C ALA A 125 -13.71 17.25 -3.13
N GLU A 126 -13.03 17.13 -4.27
CA GLU A 126 -11.58 16.88 -4.25
C GLU A 126 -10.66 18.05 -4.57
N MET A 127 -9.49 18.00 -3.92
CA MET A 127 -8.33 18.78 -4.28
C MET A 127 -7.19 17.84 -4.78
N VAL A 128 -7.50 16.77 -5.59
CA VAL A 128 -6.45 15.86 -6.19
C VAL A 128 -6.34 15.84 -7.74
N SER A 129 -5.34 16.54 -8.23
CA SER A 129 -5.16 16.75 -9.66
C SER A 129 -4.58 15.51 -10.32
N GLU A 130 -4.72 15.42 -11.64
CA GLU A 130 -4.18 14.26 -12.34
CA GLU A 130 -4.13 14.31 -12.38
C GLU A 130 -2.65 14.31 -12.11
N ASN A 131 -2.04 15.49 -12.10
CA ASN A 131 -0.61 15.58 -11.82
C ASN A 131 -0.20 14.92 -10.51
N ASP A 132 -1.02 15.10 -9.49
CA ASP A 132 -0.76 14.45 -8.21
C ASP A 132 -0.97 12.95 -8.29
N VAL A 133 -2.04 12.53 -8.96
CA VAL A 133 -2.27 11.11 -9.15
C VAL A 133 -1.09 10.43 -9.89
N ILE A 134 -0.61 11.08 -10.94
CA ILE A 134 0.51 10.60 -11.70
C ILE A 134 1.72 10.40 -10.78
N ARG A 135 2.02 11.41 -9.97
CA ARG A 135 3.15 11.29 -9.05
C ARG A 135 2.95 10.14 -8.01
N LEU A 136 1.74 9.99 -7.46
CA LEU A 136 1.51 8.92 -6.47
C LEU A 136 1.62 7.52 -7.07
N ILE A 137 1.06 7.34 -8.26
CA ILE A 137 1.13 6.08 -8.94
C ILE A 137 2.60 5.76 -9.28
N LYS A 138 3.34 6.75 -9.75
CA LYS A 138 4.73 6.55 -10.03
C LYS A 138 5.51 6.08 -8.80
N GLN A 139 5.32 6.78 -7.67
CA GLN A 139 5.91 6.34 -6.41
C GLN A 139 5.50 4.91 -5.95
N ILE A 140 4.22 4.55 -6.13
CA ILE A 140 3.74 3.21 -5.82
C ILE A 140 4.46 2.18 -6.68
N LEU A 141 4.53 2.45 -7.98
CA LEU A 141 5.26 1.60 -8.91
C LEU A 141 6.73 1.46 -8.57
N GLU A 142 7.36 2.54 -8.08
CA GLU A 142 8.75 2.45 -7.66
C GLU A 142 8.89 1.45 -6.49
N GLY A 143 7.97 1.52 -5.54
CA GLY A 143 8.01 0.61 -4.43
C GLY A 143 7.75 -0.82 -4.81
N VAL A 144 6.78 -1.03 -5.70
CA VAL A 144 6.40 -2.38 -6.06
C VAL A 144 7.48 -2.98 -6.93
N TYR A 145 8.06 -2.17 -7.81
CA TYR A 145 9.21 -2.62 -8.62
C TYR A 145 10.32 -3.16 -7.69
N TYR A 146 10.65 -2.38 -6.68
CA TYR A 146 11.64 -2.77 -5.70
C TYR A 146 11.26 -4.12 -5.04
N LEU A 147 10.05 -4.24 -4.52
CA LEU A 147 9.56 -5.54 -4.01
C LEU A 147 9.67 -6.72 -5.02
N HIS A 148 9.23 -6.49 -6.27
CA HIS A 148 9.23 -7.56 -7.24
C HIS A 148 10.61 -7.93 -7.62
N GLN A 149 11.49 -6.95 -7.74
CA GLN A 149 12.88 -7.28 -7.99
C GLN A 149 13.52 -8.17 -6.89
N ASN A 150 13.01 -8.10 -5.68
CA ASN A 150 13.45 -8.94 -4.58
C ASN A 150 12.59 -10.15 -4.33
N ASN A 151 11.77 -10.51 -5.32
CA ASN A 151 10.85 -11.63 -5.27
C ASN A 151 9.85 -11.56 -4.09
N ILE A 152 9.37 -10.37 -3.74
CA ILE A 152 8.32 -10.22 -2.75
C ILE A 152 7.08 -9.72 -3.47
N VAL A 153 5.98 -10.42 -3.29
CA VAL A 153 4.68 -10.01 -3.74
C VAL A 153 3.89 -9.64 -2.50
N HIS A 154 3.29 -8.45 -2.50
CA HIS A 154 2.67 -7.91 -1.26
C HIS A 154 1.39 -8.62 -0.96
N LEU A 155 0.56 -8.74 -2.04
CA LEU A 155 -0.71 -9.41 -2.07
C LEU A 155 -1.83 -8.77 -1.27
N ASP A 156 -1.68 -7.55 -0.75
CA ASP A 156 -2.74 -6.87 -0.03
C ASP A 156 -2.65 -5.37 -0.29
N LEU A 157 -2.34 -5.01 -1.53
CA LEU A 157 -2.30 -3.63 -1.95
C LEU A 157 -3.65 -2.98 -2.20
N LYS A 158 -4.55 -3.10 -1.24
CA LYS A 158 -5.67 -2.18 -1.13
C LYS A 158 -5.18 -0.74 -0.79
N PRO A 159 -5.96 0.31 -1.13
CA PRO A 159 -5.55 1.67 -0.82
C PRO A 159 -5.44 1.99 0.67
N GLN A 160 -6.05 1.18 1.53
CA GLN A 160 -5.87 1.30 2.95
C GLN A 160 -4.42 0.94 3.39
N ASN A 161 -3.65 0.24 2.54
CA ASN A 161 -2.29 -0.19 2.85
C ASN A 161 -1.21 0.59 2.11
N ILE A 162 -1.58 1.73 1.55
CA ILE A 162 -0.66 2.66 0.98
C ILE A 162 -0.86 4.00 1.69
N LEU A 163 0.15 4.42 2.43
CA LEU A 163 0.03 5.59 3.27
C LEU A 163 0.76 6.78 2.64
N LEU A 164 0.55 7.93 3.26
CA LEU A 164 1.19 9.17 2.84
C LEU A 164 1.97 9.79 3.99
N SER A 165 3.14 10.31 3.70
CA SER A 165 3.95 11.02 4.70
C SER A 165 3.31 12.33 5.16
N SER A 166 2.44 12.91 4.33
CA SER A 166 1.56 14.03 4.67
C SER A 166 0.47 14.23 3.64
N ILE A 167 -0.58 14.96 4.04
CA ILE A 167 -1.62 15.42 3.08
C ILE A 167 -1.62 16.94 2.83
N TYR A 168 -1.04 17.74 3.73
CA TYR A 168 -0.98 19.21 3.57
C TYR A 168 0.45 19.65 3.77
N PRO A 169 1.24 19.81 2.71
CA PRO A 169 0.93 19.44 1.35
C PRO A 169 1.01 17.88 1.13
N LEU A 170 0.68 17.45 -0.08
CA LEU A 170 0.62 16.04 -0.40
C LEU A 170 2.03 15.44 -0.45
N GLY A 171 2.26 14.41 0.36
CA GLY A 171 3.61 13.93 0.61
C GLY A 171 3.92 12.73 -0.25
N ASP A 172 4.66 11.83 0.35
CA ASP A 172 5.15 10.63 -0.36
C ASP A 172 4.53 9.32 0.15
N ILE A 173 4.50 8.35 -0.74
CA ILE A 173 3.94 7.03 -0.54
C ILE A 173 4.77 6.19 0.43
N LYS A 174 4.06 5.48 1.30
CA LYS A 174 4.61 4.46 2.17
C LYS A 174 3.73 3.19 2.13
N ILE A 175 4.24 2.13 1.52
CA ILE A 175 3.53 0.87 1.49
C ILE A 175 3.65 0.19 2.85
N VAL A 176 2.51 -0.28 3.37
CA VAL A 176 2.46 -0.94 4.67
C VAL A 176 1.77 -2.32 4.60
N ASP A 177 1.95 -3.05 5.69
CA ASP A 177 1.32 -4.31 6.02
C ASP A 177 1.67 -5.45 5.09
N PHE A 178 2.82 -6.07 5.42
CA PHE A 178 3.36 -7.19 4.68
C PHE A 178 2.90 -8.55 5.28
N GLY A 179 1.78 -8.54 6.00
CA GLY A 179 1.15 -9.72 6.58
C GLY A 179 0.79 -10.81 5.61
N MET A 180 0.50 -10.47 4.36
CA MET A 180 0.15 -11.46 3.32
C MET A 180 1.25 -11.69 2.34
N SER A 181 2.37 -11.00 2.49
CA SER A 181 3.43 -11.04 1.46
C SER A 181 4.01 -12.45 1.34
N ARG A 182 4.34 -12.84 0.11
CA ARG A 182 4.99 -14.14 -0.20
C ARG A 182 6.15 -13.93 -1.17
N LYS A 183 6.87 -15.02 -1.45
CA LYS A 183 7.81 -15.12 -2.58
C LYS A 183 7.12 -15.50 -3.91
N ILE A 184 7.85 -15.36 -5.01
CA ILE A 184 7.45 -16.00 -6.26
C ILE A 184 8.25 -17.29 -6.26
N MET A 194 -8.91 -14.80 0.88
CA MET A 194 -9.31 -14.25 2.18
C MET A 194 -8.99 -12.76 2.47
N GLY A 195 -8.51 -11.98 1.49
CA GLY A 195 -8.44 -10.50 1.66
C GLY A 195 -9.83 -9.85 1.65
N THR A 196 -9.90 -8.54 1.38
CA THR A 196 -11.20 -7.86 1.19
C THR A 196 -11.72 -8.21 -0.23
N PRO A 197 -13.00 -8.63 -0.37
CA PRO A 197 -13.44 -9.23 -1.61
C PRO A 197 -13.20 -8.37 -2.86
N GLU A 198 -13.56 -7.11 -2.76
CA GLU A 198 -13.46 -6.19 -3.91
C GLU A 198 -12.02 -5.96 -4.43
N TYR A 199 -11.03 -6.22 -3.60
CA TYR A 199 -9.63 -6.06 -3.97
C TYR A 199 -8.90 -7.33 -4.47
N LEU A 200 -9.60 -8.46 -4.53
CA LEU A 200 -8.96 -9.72 -4.93
C LEU A 200 -8.81 -9.83 -6.43
N ALA A 201 -7.63 -10.24 -6.89
CA ALA A 201 -7.40 -10.46 -8.32
C ALA A 201 -8.13 -11.74 -8.80
N PRO A 202 -8.47 -11.81 -10.10
CA PRO A 202 -9.15 -13.01 -10.60
C PRO A 202 -8.36 -14.31 -10.38
N GLU A 203 -7.05 -14.27 -10.59
CA GLU A 203 -6.21 -15.45 -10.27
C GLU A 203 -6.36 -15.95 -8.81
N ILE A 204 -6.58 -15.04 -7.83
CA ILE A 204 -6.81 -15.43 -6.44
C ILE A 204 -8.14 -16.18 -6.35
N LEU A 205 -9.17 -15.63 -7.00
CA LEU A 205 -10.46 -16.31 -7.02
C LEU A 205 -10.40 -17.71 -7.68
N ASN A 206 -9.48 -17.96 -8.61
CA ASN A 206 -9.31 -19.31 -9.23
C ASN A 206 -8.25 -20.16 -8.59
N TYR A 207 -7.68 -19.72 -7.48
CA TYR A 207 -6.60 -20.44 -6.82
C TYR A 207 -5.40 -20.75 -7.75
N ASP A 208 -5.22 -19.97 -8.86
CA ASP A 208 -4.03 -20.07 -9.72
C ASP A 208 -2.88 -19.62 -8.87
N PRO A 209 -1.64 -19.91 -9.26
CA PRO A 209 -0.60 -19.63 -8.25
C PRO A 209 -0.26 -18.11 -8.14
N ILE A 210 0.47 -17.77 -7.09
CA ILE A 210 0.77 -16.37 -6.79
C ILE A 210 1.74 -15.82 -7.80
N THR A 211 1.42 -14.66 -8.33
CA THR A 211 2.28 -14.01 -9.29
C THR A 211 2.43 -12.51 -8.91
N THR A 212 3.53 -11.90 -9.33
CA THR A 212 3.73 -10.45 -9.19
C THR A 212 2.62 -9.65 -9.87
N ALA A 213 2.03 -10.24 -10.91
CA ALA A 213 0.89 -9.69 -11.63
C ALA A 213 -0.31 -9.38 -10.76
N THR A 214 -0.47 -10.09 -9.65
CA THR A 214 -1.54 -9.79 -8.70
C THR A 214 -1.41 -8.39 -8.11
N ASP A 215 -0.21 -7.97 -7.77
CA ASP A 215 0.03 -6.62 -7.26
C ASP A 215 -0.28 -5.55 -8.33
N MET A 216 0.00 -5.88 -9.58
CA MET A 216 -0.18 -4.95 -10.67
C MET A 216 -1.68 -4.70 -10.91
N TRP A 217 -2.48 -5.77 -10.83
CA TRP A 217 -3.94 -5.63 -10.75
C TRP A 217 -4.38 -4.62 -9.69
N ASN A 218 -3.84 -4.77 -8.48
CA ASN A 218 -4.18 -3.82 -7.44
C ASN A 218 -3.76 -2.38 -7.75
N ILE A 219 -2.61 -2.19 -8.43
CA ILE A 219 -2.22 -0.83 -8.79
C ILE A 219 -3.27 -0.22 -9.75
N GLY A 220 -3.78 -1.07 -10.66
CA GLY A 220 -4.87 -0.71 -11.53
C GLY A 220 -6.08 -0.20 -10.76
N ILE A 221 -6.45 -0.92 -9.70
CA ILE A 221 -7.55 -0.51 -8.86
C ILE A 221 -7.28 0.84 -8.20
N ILE A 222 -6.07 1.02 -7.68
CA ILE A 222 -5.70 2.26 -7.00
CA ILE A 222 -5.75 2.25 -6.98
C ILE A 222 -5.87 3.46 -7.93
N ALA A 223 -5.29 3.34 -9.13
CA ALA A 223 -5.42 4.40 -10.12
C ALA A 223 -6.90 4.70 -10.45
N TYR A 224 -7.70 3.65 -10.68
CA TYR A 224 -9.11 3.81 -10.93
C TYR A 224 -9.83 4.54 -9.78
N MET A 225 -9.54 4.14 -8.55
CA MET A 225 -10.18 4.82 -7.39
C MET A 225 -9.74 6.27 -7.18
N LEU A 226 -8.47 6.59 -7.38
CA LEU A 226 -7.98 7.96 -7.27
C LEU A 226 -8.64 8.91 -8.29
N LEU A 227 -8.89 8.39 -9.47
CA LEU A 227 -9.38 9.17 -10.59
C LEU A 227 -10.88 9.27 -10.66
N THR A 228 -11.60 8.25 -10.18
CA THR A 228 -13.07 8.21 -10.27
C THR A 228 -13.76 8.34 -8.92
N HIS A 229 -13.03 8.14 -7.84
CA HIS A 229 -13.62 8.09 -6.47
CA HIS A 229 -13.63 8.15 -6.51
C HIS A 229 -14.71 7.03 -6.34
N THR A 230 -14.59 5.95 -7.14
CA THR A 230 -15.50 4.83 -7.09
C THR A 230 -14.69 3.54 -7.12
N SER A 231 -15.26 2.50 -6.51
CA SER A 231 -14.67 1.16 -6.48
C SER A 231 -14.94 0.47 -7.77
N PRO A 232 -13.91 -0.03 -8.47
CA PRO A 232 -14.24 -0.63 -9.76
C PRO A 232 -15.06 -1.96 -9.70
N PHE A 233 -14.87 -2.79 -8.68
CA PHE A 233 -15.55 -4.08 -8.70
C PHE A 233 -16.63 -4.34 -7.69
N VAL A 234 -16.79 -3.49 -6.69
CA VAL A 234 -17.65 -3.82 -5.54
C VAL A 234 -19.09 -3.86 -6.04
N GLY A 235 -19.84 -4.84 -5.59
CA GLY A 235 -21.27 -4.96 -5.93
C GLY A 235 -22.14 -4.84 -4.70
N GLU A 236 -23.45 -5.12 -4.90
CA GLU A 236 -24.48 -5.11 -3.82
C GLU A 236 -24.16 -6.10 -2.77
N ASP A 237 -23.58 -7.21 -3.18
CA ASP A 237 -23.09 -8.19 -2.23
C ASP A 237 -21.86 -8.86 -2.77
N ASN A 238 -21.29 -9.75 -1.94
CA ASN A 238 -20.08 -10.45 -2.29
C ASN A 238 -20.25 -11.26 -3.57
N GLN A 239 -21.43 -11.84 -3.79
CA GLN A 239 -21.60 -12.65 -5.00
C GLN A 239 -21.42 -11.75 -6.20
N GLU A 240 -22.00 -10.56 -6.14
CA GLU A 240 -21.89 -9.62 -7.25
C GLU A 240 -20.46 -9.10 -7.45
N THR A 241 -19.79 -8.74 -6.35
CA THR A 241 -18.34 -8.42 -6.38
C THR A 241 -17.50 -9.52 -7.11
N TYR A 242 -17.74 -10.80 -6.79
CA TYR A 242 -16.98 -11.89 -7.41
C TYR A 242 -17.30 -12.06 -8.89
N LEU A 243 -18.57 -11.94 -9.24
CA LEU A 243 -18.98 -11.83 -10.62
C LEU A 243 -18.24 -10.70 -11.36
N ASN A 244 -18.27 -9.49 -10.82
CA ASN A 244 -17.58 -8.34 -11.44
C ASN A 244 -16.06 -8.60 -11.69
N ILE A 245 -15.41 -9.27 -10.72
CA ILE A 245 -13.97 -9.49 -10.79
C ILE A 245 -13.69 -10.57 -11.81
N SER A 246 -14.35 -11.71 -11.69
CA SER A 246 -14.03 -12.82 -12.58
C SER A 246 -14.41 -12.56 -14.02
N GLN A 247 -15.41 -11.71 -14.24
CA GLN A 247 -15.75 -11.24 -15.61
C GLN A 247 -15.00 -9.96 -16.00
N VAL A 248 -14.26 -9.36 -15.07
CA VAL A 248 -13.68 -8.02 -15.26
C VAL A 248 -14.71 -7.03 -15.85
N ASN A 249 -15.82 -6.88 -15.15
CA ASN A 249 -16.87 -6.01 -15.56
C ASN A 249 -16.60 -4.65 -14.91
N VAL A 250 -16.01 -3.72 -15.65
CA VAL A 250 -15.60 -2.42 -15.09
C VAL A 250 -16.30 -1.30 -15.78
N ASP A 251 -16.78 -0.33 -15.02
CA ASP A 251 -17.41 0.84 -15.58
C ASP A 251 -16.36 1.76 -16.20
N TYR A 252 -16.32 1.78 -17.53
CA TYR A 252 -15.49 2.74 -18.29
C TYR A 252 -16.36 3.77 -19.05
N SER A 253 -17.60 4.00 -18.59
CA SER A 253 -18.53 4.84 -19.29
C SER A 253 -18.05 6.29 -19.38
N GLU A 254 -18.64 7.02 -20.30
CA GLU A 254 -18.22 8.39 -20.62
C GLU A 254 -18.46 9.32 -19.47
N GLU A 255 -19.51 9.01 -18.72
CA GLU A 255 -19.89 9.74 -17.56
C GLU A 255 -18.84 9.59 -16.50
N THR A 256 -18.53 8.35 -16.14
CA THR A 256 -17.49 8.12 -15.12
C THR A 256 -16.11 8.64 -15.55
N PHE A 257 -15.81 8.58 -16.86
CA PHE A 257 -14.49 9.01 -17.38
C PHE A 257 -14.42 10.37 -18.12
N SER A 258 -15.42 11.23 -17.94
CA SER A 258 -15.46 12.52 -18.70
C SER A 258 -14.34 13.44 -18.29
N SER A 259 -13.88 13.36 -17.05
CA SER A 259 -12.70 14.13 -16.60
C SER A 259 -11.46 13.32 -16.42
N VAL A 260 -11.36 12.16 -17.03
CA VAL A 260 -10.16 11.33 -16.95
C VAL A 260 -9.54 11.21 -18.35
N SER A 261 -8.24 11.39 -18.42
CA SER A 261 -7.50 11.48 -19.68
C SER A 261 -7.46 10.10 -20.32
N GLN A 262 -7.31 10.04 -21.63
CA GLN A 262 -7.18 8.78 -22.27
C GLN A 262 -5.99 7.98 -21.78
N LEU A 263 -4.89 8.68 -21.53
CA LEU A 263 -3.66 8.01 -21.09
C LEU A 263 -3.84 7.33 -19.74
N ALA A 264 -4.56 7.98 -18.81
CA ALA A 264 -4.93 7.35 -17.54
C ALA A 264 -5.78 6.09 -17.75
N THR A 265 -6.77 6.20 -18.64
CA THR A 265 -7.67 5.14 -19.03
C THR A 265 -6.86 3.93 -19.57
N ASP A 266 -5.90 4.21 -20.45
CA ASP A 266 -4.99 3.21 -21.02
C ASP A 266 -4.20 2.47 -19.91
N PHE A 267 -3.64 3.23 -18.99
CA PHE A 267 -2.87 2.67 -17.91
C PHE A 267 -3.72 1.70 -17.11
N ILE A 268 -4.90 2.14 -16.70
CA ILE A 268 -5.80 1.29 -15.91
C ILE A 268 -6.18 0.06 -16.74
N GLN A 269 -6.59 0.26 -17.98
CA GLN A 269 -7.06 -0.86 -18.83
C GLN A 269 -6.00 -1.88 -19.14
N SER A 270 -4.72 -1.46 -19.12
CA SER A 270 -3.65 -2.43 -19.35
C SER A 270 -3.41 -3.32 -18.11
N LEU A 271 -3.82 -2.82 -16.93
CA LEU A 271 -3.73 -3.56 -15.68
C LEU A 271 -4.93 -4.39 -15.30
N LEU A 272 -6.13 -3.87 -15.55
CA LEU A 272 -7.32 -4.58 -15.16
C LEU A 272 -7.71 -5.54 -16.28
N VAL A 273 -6.89 -6.58 -16.42
CA VAL A 273 -7.16 -7.64 -17.36
C VAL A 273 -7.12 -8.97 -16.67
N LYS A 274 -7.96 -9.88 -17.16
CA LYS A 274 -8.24 -11.13 -16.51
C LYS A 274 -7.01 -11.99 -16.45
N ASN A 275 -6.29 -12.06 -17.56
CA ASN A 275 -5.17 -12.98 -17.66
C ASN A 275 -3.90 -12.34 -17.06
N PRO A 276 -3.46 -12.80 -15.89
CA PRO A 276 -2.32 -12.10 -15.25
C PRO A 276 -1.06 -11.97 -16.12
N GLU A 277 -0.83 -12.91 -17.03
CA GLU A 277 0.35 -12.85 -17.90
C GLU A 277 0.30 -11.73 -18.92
N LYS A 278 -0.87 -11.16 -19.20
CA LYS A 278 -0.95 -10.03 -20.12
C LYS A 278 -0.77 -8.70 -19.42
N ARG A 279 -0.65 -8.66 -18.09
CA ARG A 279 -0.48 -7.38 -17.41
C ARG A 279 0.95 -6.99 -17.53
N PRO A 280 1.25 -5.70 -17.78
CA PRO A 280 2.66 -5.33 -17.74
C PRO A 280 3.28 -5.42 -16.33
N THR A 281 4.60 -5.54 -16.31
CA THR A 281 5.42 -5.48 -15.11
C THR A 281 5.43 -4.08 -14.54
N ALA A 282 5.85 -3.97 -13.29
CA ALA A 282 6.02 -2.67 -12.66
C ALA A 282 7.02 -1.86 -13.50
N GLU A 283 8.09 -2.52 -13.94
CA GLU A 283 9.08 -1.80 -14.76
C GLU A 283 8.50 -1.20 -16.06
N ILE A 284 7.79 -2.01 -16.84
CA ILE A 284 7.11 -1.51 -18.04
C ILE A 284 6.14 -0.37 -17.69
N CYS A 285 5.37 -0.50 -16.58
CA CYS A 285 4.45 0.57 -16.15
C CYS A 285 5.16 1.87 -15.93
N LEU A 286 6.36 1.82 -15.34
CA LEU A 286 7.07 3.03 -15.07
C LEU A 286 7.45 3.76 -16.37
N SER A 287 7.46 3.08 -17.52
CA SER A 287 7.68 3.74 -18.77
C SER A 287 6.40 4.17 -19.44
N HIS A 288 5.21 3.91 -18.86
CA HIS A 288 3.98 4.28 -19.54
C HIS A 288 3.97 5.80 -19.86
N SER A 289 3.45 6.14 -21.05
CA SER A 289 3.34 7.55 -21.47
C SER A 289 2.55 8.46 -20.50
N TRP A 290 1.57 7.89 -19.82
CA TRP A 290 0.82 8.60 -18.80
C TRP A 290 1.71 9.24 -17.75
N LEU A 291 2.75 8.51 -17.36
CA LEU A 291 3.61 8.92 -16.30
C LEU A 291 4.76 9.79 -16.78
N GLN A 292 4.90 10.04 -18.10
CA GLN A 292 6.01 10.85 -18.59
C GLN A 292 5.63 12.35 -18.45
N GLN A 293 6.40 13.09 -17.69
CA GLN A 293 6.06 14.47 -17.46
C GLN A 293 7.33 15.27 -17.20
N TRP A 294 7.39 16.47 -17.75
CA TRP A 294 8.52 17.34 -17.53
C TRP A 294 8.17 18.34 -16.42
N ASP A 295 9.05 18.52 -15.43
CA ASP A 295 8.85 19.54 -14.38
C ASP A 295 9.09 20.91 -15.00
N PHE A 296 8.04 21.74 -15.09
CA PHE A 296 8.10 22.98 -15.89
C PHE A 296 9.16 23.97 -15.40
N GLU A 297 9.58 23.82 -14.16
CA GLU A 297 10.60 24.69 -13.57
C GLU A 297 12.02 24.31 -13.95
N ASN A 298 12.20 23.13 -14.57
CA ASN A 298 13.50 22.74 -15.13
C ASN A 298 13.64 23.14 -16.58
N LEU A 299 14.87 23.48 -16.95
CA LEU A 299 15.19 23.86 -18.31
C LEU A 299 15.36 22.59 -19.15
N PHE A 300 14.45 22.39 -20.10
CA PHE A 300 14.49 21.24 -20.98
C PHE A 300 15.64 21.36 -21.98
N HIS A 301 16.40 20.29 -22.19
CA HIS A 301 17.48 20.30 -23.18
C HIS A 301 17.00 19.53 -24.41
N PRO A 302 16.66 20.25 -25.49
CA PRO A 302 16.05 19.52 -26.60
C PRO A 302 17.09 18.70 -27.42
N GLU A 303 16.57 17.92 -28.35
CA GLU A 303 17.43 17.12 -29.23
C GLU A 303 18.25 17.98 -30.20
N GLU A 304 17.67 19.07 -30.69
CA GLU A 304 18.40 19.96 -31.59
C GLU A 304 19.22 20.91 -30.70
N THR A 305 20.52 20.67 -30.69
CA THR A 305 21.48 21.39 -29.85
C THR A 305 21.94 22.67 -30.55
N SER A 306 22.44 23.62 -29.78
CA SER A 306 22.85 24.93 -30.32
C SER A 306 24.04 24.91 -31.31
N SER A 307 24.99 23.98 -31.18
CA SER A 307 26.14 23.94 -32.14
C SER A 307 25.65 23.87 -33.63
C OD2 B . 0.16 -1.29 9.43
O OD2 B . 0.75 -2.33 9.16
O1 OD2 B . -1.12 -1.20 9.53
C1 OD2 B . 0.84 0.03 9.64
S OD2 B . -0.33 1.39 9.81
C2 OD2 B . 0.72 2.78 9.96
N1 OD2 B . 2.05 2.64 9.88
C14 OD2 B . 2.73 3.79 9.91
N OD2 B . 2.28 5.04 10.04
C4 OD2 B . 0.93 5.13 10.14
C5 OD2 B . 0.15 6.34 10.26
C6 OD2 B . -1.18 6.15 10.25
S1 OD2 B . -1.57 4.46 10.15
C3 OD2 B . 0.09 4.02 10.10
C7 OD2 B . -2.25 7.15 10.27
C12 OD2 B . -1.95 8.51 10.32
C11 OD2 B . -2.97 9.44 10.43
C10 OD2 B . -4.30 9.04 10.48
S2 OD2 B . -5.49 10.32 10.68
C13 OD2 B . -7.00 9.45 11.12
C9 OD2 B . -4.60 7.68 10.40
C8 OD2 B . -3.59 6.75 10.29
C1 EDO C . 4.33 -2.84 8.44
O1 EDO C . 3.13 -2.13 8.16
C2 EDO C . 3.94 -4.19 9.00
O2 EDO C . 3.96 -5.13 7.91
C1 EDO D . 13.79 5.29 20.58
O1 EDO D . 14.71 4.83 19.59
C2 EDO D . 14.35 6.51 21.29
O2 EDO D . 14.39 7.61 20.38
C1 EDO E . -6.75 -3.14 8.82
C1 EDO E . -6.39 -2.21 8.85
O1 EDO E . -8.13 -2.79 9.03
O1 EDO E . -7.68 -2.64 9.31
C2 EDO E . -6.14 -2.21 7.77
C2 EDO E . -6.44 -2.10 7.33
O2 EDO E . -6.94 -1.03 7.63
O2 EDO E . -6.37 -3.41 6.76
C1 EDO F . -19.40 -3.29 -12.45
O1 EDO F . -18.30 -3.19 -11.53
C2 EDO F . -20.67 -2.73 -11.80
O2 EDO F . -20.35 -2.25 -10.48
#